data_3FF9
#
_entry.id   3FF9
#
_cell.length_a   59.130
_cell.length_b   56.930
_cell.length_c   68.090
_cell.angle_alpha   90.000
_cell.angle_beta   97.200
_cell.angle_gamma   90.000
#
_symmetry.space_group_name_H-M   'C 1 2 1'
#
loop_
_entity.id
_entity.type
_entity.pdbx_description
1 polymer 'Killer cell lectin-like receptor subfamily G member 1'
2 water water
#
_entity_poly.entity_id   1
_entity_poly.type   'polypeptide(L)'
_entity_poly.pdbx_seq_one_letter_code
;MCPILWTRNGSHCYYFSMEKKDWNSSLKFCADKGSHLLTFPDNQGVKLFGEYLGQDFYWIGLRNIDGWRWEGGPALSLRI
LTNSLIQRCGAIHRNGLQASSCEVALQWICKKVLY
;
_entity_poly.pdbx_strand_id   A,B
#
# COMPACT_ATOMS: atom_id res chain seq x y z
N MET A 1 15.54 -14.81 9.29
CA MET A 1 15.44 -13.68 10.25
C MET A 1 15.14 -12.38 9.50
N CYS A 2 14.95 -11.30 10.25
CA CYS A 2 14.66 -10.01 9.64
C CYS A 2 15.84 -9.47 8.85
N PRO A 3 15.57 -8.72 7.78
CA PRO A 3 16.66 -8.17 6.98
C PRO A 3 17.44 -7.15 7.80
N ILE A 4 18.65 -6.82 7.35
CA ILE A 4 19.49 -5.86 8.04
C ILE A 4 18.76 -4.52 8.12
N LEU A 5 18.93 -3.84 9.25
CA LEU A 5 18.31 -2.55 9.51
C LEU A 5 16.89 -2.71 10.05
N TRP A 6 16.31 -3.91 9.92
CA TRP A 6 14.97 -4.13 10.42
C TRP A 6 15.01 -4.72 11.83
N THR A 7 13.90 -4.65 12.53
CA THR A 7 13.83 -5.13 13.91
C THR A 7 12.73 -6.15 14.11
N ARG A 8 13.04 -7.21 14.86
CA ARG A 8 12.07 -8.26 15.10
C ARG A 8 11.29 -8.11 16.40
N ASN A 9 10.06 -8.58 16.37
CA ASN A 9 9.16 -8.57 17.51
C ASN A 9 8.05 -9.54 17.17
N GLY A 10 8.00 -10.66 17.90
CA GLY A 10 6.97 -11.64 17.63
C GLY A 10 7.22 -12.32 16.30
N SER A 11 6.23 -12.27 15.41
CA SER A 11 6.34 -12.90 14.10
C SER A 11 6.50 -11.90 12.95
N HIS A 12 6.86 -10.66 13.27
CA HIS A 12 7.03 -9.65 12.23
C HIS A 12 8.34 -8.90 12.34
N CYS A 13 8.68 -8.23 11.23
CA CYS A 13 9.88 -7.42 11.15
C CYS A 13 9.42 -5.99 10.99
N TYR A 14 10.06 -5.08 11.70
CA TYR A 14 9.70 -3.67 11.64
C TYR A 14 10.88 -2.84 11.19
N TYR A 15 10.58 -1.76 10.48
CA TYR A 15 11.61 -0.84 10.03
C TYR A 15 11.30 0.51 10.64
N PHE A 16 12.23 1.03 11.42
CA PHE A 16 12.10 2.35 12.05
C PHE A 16 13.05 3.24 11.27
N SER A 17 12.51 4.19 10.53
CA SER A 17 13.35 5.06 9.72
C SER A 17 14.14 6.05 10.55
N MET A 18 15.18 6.59 9.95
CA MET A 18 16.02 7.60 10.58
C MET A 18 15.68 8.89 9.84
N GLU A 19 15.47 8.77 8.52
CA GLU A 19 15.11 9.90 7.68
C GLU A 19 13.65 10.26 7.94
N LYS A 20 13.24 11.44 7.47
CA LYS A 20 11.87 11.90 7.60
C LYS A 20 11.27 12.12 6.22
N LYS A 21 10.04 11.65 6.03
CA LYS A 21 9.34 11.79 4.75
C LYS A 21 7.89 12.16 5.02
N ASP A 22 7.21 12.73 4.03
CA ASP A 22 5.81 13.04 4.24
C ASP A 22 5.09 11.69 4.18
N TRP A 23 3.80 11.68 4.48
CA TRP A 23 3.07 10.41 4.51
C TRP A 23 3.09 9.63 3.19
N ASN A 24 2.79 10.30 2.07
CA ASN A 24 2.79 9.61 0.79
C ASN A 24 4.10 8.93 0.50
N SER A 25 5.21 9.63 0.75
CA SER A 25 6.53 9.09 0.47
C SER A 25 6.89 7.96 1.43
N SER A 26 6.39 8.03 2.66
CA SER A 26 6.68 6.97 3.63
C SER A 26 5.99 5.69 3.15
N LEU A 27 4.78 5.83 2.63
CA LEU A 27 4.04 4.68 2.13
C LEU A 27 4.84 4.03 0.99
N LYS A 28 5.28 4.83 0.04
CA LYS A 28 6.07 4.30 -1.09
C LYS A 28 7.30 3.53 -0.64
N PHE A 29 8.00 4.06 0.36
CA PHE A 29 9.19 3.38 0.86
C PHE A 29 8.82 2.00 1.38
N CYS A 30 7.82 1.91 2.24
CA CYS A 30 7.44 0.60 2.76
C CYS A 30 7.00 -0.32 1.64
N ALA A 31 6.17 0.21 0.74
CA ALA A 31 5.66 -0.57 -0.40
C ALA A 31 6.80 -1.11 -1.27
N ASP A 32 7.82 -0.29 -1.48
CA ASP A 32 8.96 -0.72 -2.30
C ASP A 32 9.80 -1.79 -1.59
N LYS A 33 9.69 -1.83 -0.26
CA LYS A 33 10.44 -2.81 0.53
C LYS A 33 9.62 -4.02 0.93
N GLY A 34 8.55 -4.28 0.19
CA GLY A 34 7.70 -5.44 0.46
C GLY A 34 7.02 -5.38 1.81
N SER A 35 6.59 -4.20 2.22
CA SER A 35 5.94 -4.04 3.50
C SER A 35 4.83 -3.01 3.43
N HIS A 36 4.21 -2.75 4.57
CA HIS A 36 3.14 -1.77 4.68
C HIS A 36 3.44 -0.88 5.87
N LEU A 37 2.88 0.33 5.89
CA LEU A 37 3.09 1.22 7.02
C LEU A 37 2.42 0.51 8.19
N LEU A 38 2.96 0.72 9.38
CA LEU A 38 2.45 0.08 10.59
C LEU A 38 0.96 0.28 10.82
N THR A 39 0.26 -0.82 11.09
CA THR A 39 -1.17 -0.75 11.39
C THR A 39 -1.49 -1.63 12.58
N PHE A 40 -2.61 -1.34 13.22
CA PHE A 40 -3.10 -2.11 14.36
C PHE A 40 -4.54 -2.44 13.98
N PRO A 41 -4.71 -3.33 12.98
CA PRO A 41 -6.04 -3.73 12.49
C PRO A 41 -7.01 -4.22 13.57
N ASP A 42 -6.48 -4.87 14.60
CA ASP A 42 -7.30 -5.38 15.70
C ASP A 42 -7.70 -4.20 16.60
N ASN A 43 -7.11 -3.04 16.33
CA ASN A 43 -7.36 -1.85 17.12
C ASN A 43 -6.91 -2.07 18.56
N GLN A 44 -5.78 -2.76 18.72
CA GLN A 44 -5.24 -3.04 20.04
C GLN A 44 -3.72 -3.03 20.01
N GLY A 45 -3.11 -2.69 21.15
CA GLY A 45 -1.67 -2.70 21.24
C GLY A 45 -0.94 -1.39 20.97
N VAL A 46 -1.68 -0.32 20.70
CA VAL A 46 -1.03 0.96 20.42
C VAL A 46 -0.23 1.47 21.62
N LYS A 47 -0.85 1.50 22.80
CA LYS A 47 -0.16 1.95 24.00
C LYS A 47 1.06 1.08 24.28
N LEU A 48 0.84 -0.24 24.26
CA LEU A 48 1.94 -1.17 24.50
C LEU A 48 3.08 -0.96 23.52
N PHE A 49 2.76 -0.83 22.24
CA PHE A 49 3.79 -0.61 21.22
C PHE A 49 4.48 0.74 21.48
N GLY A 50 3.68 1.73 21.86
CA GLY A 50 4.23 3.05 22.13
C GLY A 50 5.27 3.08 23.23
N GLU A 51 5.32 2.01 24.03
CA GLU A 51 6.27 1.94 25.13
C GLU A 51 7.72 1.80 24.65
N TYR A 52 7.91 1.59 23.35
CA TYR A 52 9.24 1.45 22.79
C TYR A 52 9.62 2.71 22.04
N LEU A 53 8.74 3.70 22.07
CA LEU A 53 8.97 4.96 21.38
C LEU A 53 9.12 6.09 22.40
N GLY A 54 9.38 7.29 21.88
CA GLY A 54 9.53 8.46 22.72
C GLY A 54 8.50 9.51 22.31
N GLN A 55 8.86 10.78 22.44
CA GLN A 55 7.96 11.86 22.08
C GLN A 55 7.89 12.15 20.57
N ASP A 56 8.94 11.78 19.83
CA ASP A 56 8.94 12.02 18.40
C ASP A 56 7.91 11.14 17.70
N PHE A 57 7.24 11.69 16.69
CA PHE A 57 6.20 10.97 15.96
C PHE A 57 6.68 10.16 14.77
N TYR A 58 5.98 9.06 14.50
CA TYR A 58 6.26 8.18 13.36
C TYR A 58 4.99 8.00 12.57
N TRP A 59 5.08 8.13 11.25
CA TRP A 59 3.92 7.94 10.39
C TRP A 59 3.55 6.47 10.42
N ILE A 60 2.25 6.19 10.44
CA ILE A 60 1.78 4.81 10.43
C ILE A 60 0.68 4.71 9.38
N GLY A 61 0.20 3.49 9.14
CA GLY A 61 -0.82 3.28 8.13
C GLY A 61 -2.22 3.66 8.59
N LEU A 62 -2.40 4.94 8.87
CA LEU A 62 -3.69 5.42 9.35
C LEU A 62 -3.99 6.75 8.69
N ARG A 63 -5.18 6.85 8.08
CA ARG A 63 -5.60 8.08 7.42
C ARG A 63 -7.10 8.29 7.49
N ASN A 64 -7.53 9.52 7.22
CA ASN A 64 -8.94 9.86 7.18
C ASN A 64 -9.27 10.33 5.77
N ILE A 65 -9.56 9.39 4.88
CA ILE A 65 -9.92 9.69 3.51
C ILE A 65 -11.43 9.48 3.35
N ASP A 66 -11.94 8.51 4.07
CA ASP A 66 -13.37 8.16 4.06
C ASP A 66 -13.64 7.72 5.49
N GLY A 67 -13.21 8.55 6.44
CA GLY A 67 -13.35 8.26 7.86
C GLY A 67 -12.00 7.68 8.27
N TRP A 68 -11.64 7.79 9.55
CA TRP A 68 -10.35 7.23 9.98
C TRP A 68 -10.35 5.72 9.83
N ARG A 69 -9.40 5.21 9.04
CA ARG A 69 -9.30 3.78 8.81
C ARG A 69 -7.86 3.33 8.71
N TRP A 70 -7.61 2.09 9.12
CA TRP A 70 -6.27 1.53 9.01
C TRP A 70 -6.11 1.18 7.53
N GLU A 71 -4.95 1.48 6.97
CA GLU A 71 -4.73 1.16 5.55
C GLU A 71 -4.93 -0.34 5.34
N GLY A 72 -5.75 -0.68 4.35
CA GLY A 72 -6.02 -2.08 4.05
C GLY A 72 -6.72 -2.80 5.19
N GLY A 73 -7.18 -2.06 6.19
CA GLY A 73 -7.83 -2.69 7.31
C GLY A 73 -9.15 -2.06 7.71
N PRO A 74 -9.68 -2.41 8.89
CA PRO A 74 -10.95 -1.88 9.39
C PRO A 74 -10.86 -0.43 9.82
N ALA A 75 -12.01 0.12 10.19
CA ALA A 75 -12.09 1.50 10.65
C ALA A 75 -11.38 1.66 12.00
N LEU A 76 -10.97 2.88 12.31
CA LEU A 76 -10.28 3.15 13.57
C LEU A 76 -11.32 3.20 14.70
N SER A 77 -11.11 2.42 15.75
CA SER A 77 -12.02 2.41 16.88
C SER A 77 -11.37 3.05 18.11
N LEU A 78 -10.11 3.45 17.95
CA LEU A 78 -9.37 4.09 19.02
C LEU A 78 -9.37 5.60 18.82
N ARG A 79 -9.18 6.34 19.90
CA ARG A 79 -9.15 7.80 19.83
C ARG A 79 -7.83 8.25 19.20
N ILE A 80 -7.92 9.20 18.28
CA ILE A 80 -6.72 9.76 17.67
C ILE A 80 -6.80 11.25 17.97
N LEU A 81 -5.79 11.78 18.64
CA LEU A 81 -5.76 13.20 18.98
C LEU A 81 -5.75 14.00 17.69
N THR A 82 -6.82 14.77 17.47
CA THR A 82 -6.97 15.55 16.25
C THR A 82 -7.18 17.02 16.59
N ASN A 83 -6.11 17.80 16.53
CA ASN A 83 -6.18 19.22 16.86
C ASN A 83 -6.92 20.06 15.82
N SER A 84 -6.82 19.68 14.55
CA SER A 84 -7.48 20.41 13.48
C SER A 84 -8.21 19.44 12.57
N LEU A 85 -9.40 19.82 12.14
CA LEU A 85 -10.22 18.97 11.28
C LEU A 85 -9.55 18.60 9.96
N ILE A 86 -8.69 19.46 9.45
CA ILE A 86 -8.04 19.20 8.17
C ILE A 86 -6.89 18.20 8.18
N GLN A 87 -6.49 17.73 9.36
CA GLN A 87 -5.40 16.75 9.46
C GLN A 87 -5.96 15.37 9.12
N ARG A 88 -5.44 14.74 8.06
CA ARG A 88 -5.94 13.43 7.62
C ARG A 88 -4.96 12.25 7.69
N CYS A 89 -3.78 12.48 8.23
CA CYS A 89 -2.80 11.39 8.34
C CYS A 89 -2.52 11.13 9.82
N GLY A 90 -2.35 9.86 10.18
CA GLY A 90 -2.12 9.49 11.56
C GLY A 90 -0.69 9.09 11.88
N ALA A 91 -0.21 9.48 13.06
CA ALA A 91 1.14 9.15 13.47
C ALA A 91 1.09 8.58 14.88
N ILE A 92 2.16 7.93 15.30
CA ILE A 92 2.21 7.35 16.63
C ILE A 92 3.44 7.79 17.40
N HIS A 93 3.30 7.88 18.72
CA HIS A 93 4.44 8.17 19.59
C HIS A 93 4.10 7.57 20.95
N ARG A 94 4.97 7.75 21.94
CA ARG A 94 4.73 7.15 23.24
C ARG A 94 3.32 7.37 23.82
N ASN A 95 2.82 8.60 23.74
CA ASN A 95 1.51 8.88 24.30
C ASN A 95 0.27 8.56 23.46
N GLY A 96 0.43 7.81 22.38
CA GLY A 96 -0.72 7.45 21.57
C GLY A 96 -0.75 7.91 20.13
N LEU A 97 -1.95 7.93 19.55
CA LEU A 97 -2.15 8.34 18.15
C LEU A 97 -2.47 9.82 18.04
N GLN A 98 -1.93 10.46 17.01
CA GLN A 98 -2.20 11.88 16.81
C GLN A 98 -2.23 12.20 15.32
N ALA A 99 -3.21 13.01 14.93
CA ALA A 99 -3.37 13.39 13.53
C ALA A 99 -2.41 14.50 13.18
N SER A 100 -2.04 14.56 11.91
CA SER A 100 -1.13 15.59 11.44
C SER A 100 -1.38 15.85 9.97
N SER A 101 -0.96 17.02 9.49
CA SER A 101 -1.10 17.31 8.07
C SER A 101 -0.24 16.25 7.39
N CYS A 102 -0.71 15.70 6.29
CA CYS A 102 0.03 14.68 5.57
C CYS A 102 1.34 15.17 4.96
N GLU A 103 1.52 16.49 4.91
CA GLU A 103 2.72 17.09 4.32
C GLU A 103 3.92 17.09 5.27
N VAL A 104 3.66 16.93 6.57
CA VAL A 104 4.73 16.93 7.54
C VAL A 104 5.68 15.76 7.32
N ALA A 105 6.99 16.03 7.37
CA ALA A 105 7.98 14.99 7.19
C ALA A 105 8.31 14.39 8.56
N LEU A 106 8.00 13.11 8.73
CA LEU A 106 8.28 12.43 9.99
C LEU A 106 8.95 11.10 9.71
N GLN A 107 9.55 10.49 10.73
CA GLN A 107 10.13 9.17 10.54
C GLN A 107 8.90 8.30 10.34
N TRP A 108 9.09 7.06 9.90
CA TRP A 108 7.96 6.17 9.68
C TRP A 108 8.35 4.76 10.10
N ILE A 109 7.35 3.90 10.21
CA ILE A 109 7.58 2.51 10.60
C ILE A 109 6.90 1.59 9.60
N CYS A 110 7.68 0.65 9.04
CA CYS A 110 7.14 -0.32 8.10
C CYS A 110 6.98 -1.63 8.86
N LYS A 111 6.11 -2.50 8.36
CA LYS A 111 5.88 -3.79 8.99
C LYS A 111 5.64 -4.89 7.97
N LYS A 112 6.22 -6.06 8.22
CA LYS A 112 6.04 -7.23 7.36
C LYS A 112 6.35 -8.47 8.18
N VAL A 113 5.82 -9.60 7.74
CA VAL A 113 6.02 -10.86 8.45
C VAL A 113 7.42 -11.42 8.28
N LEU A 114 7.92 -12.07 9.31
CA LEU A 114 9.25 -12.67 9.27
C LEU A 114 9.18 -13.96 8.46
N TYR A 115 9.88 -13.97 7.31
CA TYR A 115 9.89 -15.13 6.42
C TYR A 115 10.84 -16.23 6.90
N MET B 1 -21.21 -1.24 1.60
CA MET B 1 -21.08 -1.73 0.20
C MET B 1 -20.02 -0.89 -0.53
N CYS B 2 -19.64 -1.31 -1.73
CA CYS B 2 -18.64 -0.59 -2.50
C CYS B 2 -19.19 0.75 -2.99
N PRO B 3 -18.35 1.79 -3.03
CA PRO B 3 -18.83 3.09 -3.50
C PRO B 3 -19.23 2.98 -4.96
N ILE B 4 -19.92 3.99 -5.49
CA ILE B 4 -20.34 3.93 -6.88
C ILE B 4 -19.09 3.98 -7.74
N LEU B 5 -19.16 3.30 -8.88
CA LEU B 5 -18.07 3.20 -9.85
C LEU B 5 -17.13 2.06 -9.49
N TRP B 6 -17.24 1.55 -8.26
CA TRP B 6 -16.40 0.43 -7.85
C TRP B 6 -17.18 -0.87 -7.99
N THR B 7 -16.46 -1.99 -8.01
CA THR B 7 -17.06 -3.30 -8.17
C THR B 7 -16.65 -4.23 -7.05
N ARG B 8 -17.61 -5.02 -6.56
CA ARG B 8 -17.33 -5.95 -5.49
C ARG B 8 -16.97 -7.36 -5.95
N ASN B 9 -16.08 -7.99 -5.19
CA ASN B 9 -15.64 -9.35 -5.44
C ASN B 9 -15.15 -9.86 -4.10
N GLY B 10 -15.91 -10.77 -3.51
CA GLY B 10 -15.54 -11.32 -2.22
C GLY B 10 -15.52 -10.27 -1.13
N SER B 11 -14.37 -10.16 -0.47
CA SER B 11 -14.18 -9.23 0.63
C SER B 11 -13.57 -7.88 0.22
N HIS B 12 -13.49 -7.61 -1.08
CA HIS B 12 -12.91 -6.35 -1.53
C HIS B 12 -13.68 -5.65 -2.64
N CYS B 13 -13.34 -4.38 -2.83
CA CYS B 13 -13.94 -3.54 -3.86
C CYS B 13 -12.83 -3.20 -4.85
N TYR B 14 -13.17 -3.19 -6.14
CA TYR B 14 -12.19 -2.89 -7.16
C TYR B 14 -12.64 -1.74 -8.03
N TYR B 15 -11.67 -0.97 -8.52
CA TYR B 15 -11.97 0.14 -9.40
C TYR B 15 -11.27 -0.10 -10.74
N PHE B 16 -12.06 -0.23 -11.79
CA PHE B 16 -11.53 -0.42 -13.13
C PHE B 16 -11.68 0.92 -13.81
N SER B 17 -10.56 1.57 -14.14
CA SER B 17 -10.61 2.88 -14.77
C SER B 17 -11.03 2.78 -16.24
N MET B 18 -11.54 3.88 -16.76
CA MET B 18 -11.90 3.95 -18.17
C MET B 18 -10.83 4.80 -18.83
N GLU B 19 -10.34 5.79 -18.09
CA GLU B 19 -9.28 6.67 -18.60
C GLU B 19 -7.92 5.97 -18.46
N LYS B 20 -6.91 6.51 -19.11
CA LYS B 20 -5.57 5.93 -19.07
C LYS B 20 -4.57 6.88 -18.42
N LYS B 21 -3.66 6.32 -17.62
CA LYS B 21 -2.63 7.11 -16.94
C LYS B 21 -1.34 6.30 -16.95
N ASP B 22 -0.20 6.99 -16.75
CA ASP B 22 1.05 6.27 -16.69
C ASP B 22 1.08 5.55 -15.35
N TRP B 23 2.04 4.68 -15.14
CA TRP B 23 2.09 3.90 -13.92
C TRP B 23 2.11 4.72 -12.62
N ASN B 24 2.99 5.71 -12.52
CA ASN B 24 3.07 6.52 -11.30
C ASN B 24 1.75 7.23 -10.99
N SER B 25 1.10 7.76 -12.02
CA SER B 25 -0.17 8.46 -11.83
C SER B 25 -1.28 7.51 -11.43
N SER B 26 -1.22 6.27 -11.91
CA SER B 26 -2.23 5.27 -11.57
C SER B 26 -2.06 4.87 -10.12
N LEU B 27 -0.80 4.72 -9.70
CA LEU B 27 -0.49 4.34 -8.32
C LEU B 27 -1.00 5.45 -7.40
N LYS B 28 -0.75 6.69 -7.80
CA LYS B 28 -1.16 7.86 -7.02
C LYS B 28 -2.68 8.00 -6.91
N PHE B 29 -3.37 7.69 -8.01
CA PHE B 29 -4.83 7.79 -8.02
C PHE B 29 -5.42 6.84 -6.98
N CYS B 30 -4.98 5.59 -6.98
CA CYS B 30 -5.50 4.61 -6.03
C CYS B 30 -5.17 5.02 -4.60
N ALA B 31 -3.94 5.45 -4.37
CA ALA B 31 -3.51 5.86 -3.04
C ALA B 31 -4.38 6.99 -2.49
N ASP B 32 -4.67 7.97 -3.32
CA ASP B 32 -5.49 9.09 -2.89
C ASP B 32 -6.94 8.70 -2.60
N LYS B 33 -7.37 7.54 -3.09
CA LYS B 33 -8.74 7.08 -2.87
C LYS B 33 -8.79 6.08 -1.72
N GLY B 34 -7.72 6.01 -0.94
CA GLY B 34 -7.66 5.09 0.17
C GLY B 34 -7.68 3.64 -0.28
N SER B 35 -6.94 3.36 -1.35
CA SER B 35 -6.86 2.02 -1.92
C SER B 35 -5.45 1.84 -2.44
N HIS B 36 -5.21 0.75 -3.17
CA HIS B 36 -3.89 0.54 -3.75
C HIS B 36 -3.98 -0.16 -5.11
N LEU B 37 -2.96 0.07 -5.94
CA LEU B 37 -2.89 -0.56 -7.24
C LEU B 37 -2.92 -2.05 -6.99
N LEU B 38 -3.74 -2.76 -7.74
CA LEU B 38 -3.91 -4.20 -7.59
C LEU B 38 -2.63 -5.02 -7.53
N THR B 39 -2.57 -5.95 -6.57
CA THR B 39 -1.41 -6.83 -6.44
C THR B 39 -1.88 -8.25 -6.14
N PHE B 40 -1.02 -9.22 -6.41
CA PHE B 40 -1.29 -10.62 -6.15
C PHE B 40 -0.10 -11.08 -5.31
N PRO B 41 -0.05 -10.61 -4.05
CA PRO B 41 1.02 -10.91 -3.08
C PRO B 41 1.30 -12.39 -2.81
N ASP B 42 0.32 -13.24 -3.05
CA ASP B 42 0.50 -14.67 -2.82
C ASP B 42 1.01 -15.34 -4.09
N ASN B 43 1.29 -14.52 -5.10
CA ASN B 43 1.78 -15.00 -6.39
C ASN B 43 0.91 -16.08 -7.01
N GLN B 44 -0.40 -15.84 -7.00
CA GLN B 44 -1.36 -16.77 -7.57
C GLN B 44 -2.69 -16.05 -7.78
N GLY B 45 -3.47 -16.53 -8.75
CA GLY B 45 -4.77 -15.93 -9.01
C GLY B 45 -4.79 -15.00 -10.22
N VAL B 46 -3.62 -14.78 -10.84
CA VAL B 46 -3.52 -13.91 -12.01
C VAL B 46 -4.37 -14.40 -13.19
N LYS B 47 -4.20 -15.67 -13.56
CA LYS B 47 -4.95 -16.23 -14.67
C LYS B 47 -6.45 -16.15 -14.42
N LEU B 48 -6.87 -16.58 -13.23
CA LEU B 48 -8.28 -16.56 -12.87
C LEU B 48 -8.84 -15.14 -12.95
N PHE B 49 -8.13 -14.17 -12.37
CA PHE B 49 -8.59 -12.78 -12.41
C PHE B 49 -8.61 -12.27 -13.85
N GLY B 50 -7.67 -12.75 -14.66
CA GLY B 50 -7.60 -12.32 -16.05
C GLY B 50 -8.79 -12.77 -16.88
N GLU B 51 -9.58 -13.70 -16.36
CA GLU B 51 -10.74 -14.20 -17.09
C GLU B 51 -11.84 -13.14 -17.21
N TYR B 52 -11.70 -12.06 -16.45
CA TYR B 52 -12.67 -10.97 -16.47
C TYR B 52 -12.20 -9.85 -17.39
N LEU B 53 -10.97 -9.98 -17.86
CA LEU B 53 -10.38 -8.97 -18.73
C LEU B 53 -10.32 -9.44 -20.19
N GLY B 54 -9.80 -8.56 -21.04
CA GLY B 54 -9.66 -8.87 -22.45
C GLY B 54 -8.22 -8.67 -22.88
N GLN B 55 -8.02 -8.15 -24.08
CA GLN B 55 -6.69 -7.91 -24.61
C GLN B 55 -6.02 -6.65 -24.06
N ASP B 56 -6.82 -5.61 -23.81
CA ASP B 56 -6.28 -4.36 -23.28
C ASP B 56 -5.65 -4.56 -21.91
N PHE B 57 -4.54 -3.86 -21.70
CA PHE B 57 -3.78 -3.95 -20.46
C PHE B 57 -4.20 -2.97 -19.37
N TYR B 58 -4.03 -3.40 -18.12
CA TYR B 58 -4.33 -2.57 -16.95
C TYR B 58 -3.10 -2.54 -16.07
N TRP B 59 -2.73 -1.36 -15.60
CA TRP B 59 -1.59 -1.25 -14.70
C TRP B 59 -1.95 -1.90 -13.38
N ILE B 60 -0.97 -2.54 -12.75
CA ILE B 60 -1.15 -3.16 -11.45
C ILE B 60 0.09 -2.83 -10.64
N GLY B 61 0.05 -3.09 -9.33
CA GLY B 61 1.19 -2.78 -8.47
C GLY B 61 2.36 -3.75 -8.57
N LEU B 62 2.91 -3.88 -9.77
CA LEU B 62 4.03 -4.78 -10.03
C LEU B 62 5.10 -3.93 -10.72
N ARG B 63 6.30 -3.92 -10.14
CA ARG B 63 7.36 -3.12 -10.71
C ARG B 63 8.74 -3.71 -10.44
N ASN B 64 9.71 -3.29 -11.25
CA ASN B 64 11.08 -3.74 -11.11
C ASN B 64 11.98 -2.54 -10.79
N ILE B 65 12.22 -2.30 -9.51
CA ILE B 65 13.10 -1.21 -9.11
C ILE B 65 14.35 -1.88 -8.55
N ASP B 66 14.12 -2.91 -7.75
CA ASP B 66 15.16 -3.71 -7.13
C ASP B 66 14.66 -5.14 -7.31
N GLY B 67 14.41 -5.50 -8.57
CA GLY B 67 13.89 -6.82 -8.91
C GLY B 67 12.38 -6.71 -9.02
N TRP B 68 11.74 -7.57 -9.83
CA TRP B 68 10.28 -7.53 -9.95
C TRP B 68 9.65 -7.87 -8.59
N ARG B 69 8.77 -7.00 -8.12
CA ARG B 69 8.15 -7.22 -6.82
C ARG B 69 6.76 -6.62 -6.77
N TRP B 70 5.91 -7.19 -5.92
CA TRP B 70 4.57 -6.65 -5.75
C TRP B 70 4.72 -5.53 -4.74
N GLU B 71 4.15 -4.36 -5.03
CA GLU B 71 4.23 -3.25 -4.08
C GLU B 71 3.62 -3.73 -2.77
N GLY B 72 4.36 -3.54 -1.68
CA GLY B 72 3.87 -3.96 -0.37
C GLY B 72 3.84 -5.46 -0.21
N GLY B 73 4.42 -6.16 -1.18
CA GLY B 73 4.44 -7.61 -1.13
C GLY B 73 5.78 -8.23 -1.48
N PRO B 74 5.82 -9.56 -1.65
CA PRO B 74 7.06 -10.27 -1.97
C PRO B 74 7.52 -10.16 -3.41
N ALA B 75 8.67 -10.77 -3.70
CA ALA B 75 9.22 -10.75 -5.04
C ALA B 75 8.26 -11.53 -5.95
N LEU B 76 8.30 -11.20 -7.24
CA LEU B 76 7.45 -11.88 -8.20
C LEU B 76 7.99 -13.29 -8.41
N SER B 77 7.10 -14.28 -8.44
CA SER B 77 7.53 -15.66 -8.66
C SER B 77 6.85 -16.21 -9.93
N LEU B 78 5.95 -15.42 -10.49
CA LEU B 78 5.24 -15.80 -11.71
C LEU B 78 5.99 -15.18 -12.88
N ARG B 79 5.76 -15.73 -14.07
CA ARG B 79 6.41 -15.23 -15.27
C ARG B 79 5.72 -13.95 -15.74
N ILE B 80 6.52 -12.96 -16.13
CA ILE B 80 5.98 -11.73 -16.68
C ILE B 80 6.66 -11.57 -18.02
N LEU B 81 5.88 -11.49 -19.09
CA LEU B 81 6.45 -11.32 -20.41
C LEU B 81 7.14 -9.97 -20.49
N THR B 82 8.44 -10.01 -20.73
CA THR B 82 9.26 -8.80 -20.81
C THR B 82 10.08 -8.87 -22.09
N ASN B 83 9.64 -8.16 -23.11
CA ASN B 83 10.36 -8.18 -24.39
C ASN B 83 11.58 -7.26 -24.41
N SER B 84 11.61 -6.30 -23.49
CA SER B 84 12.72 -5.38 -23.40
C SER B 84 13.16 -5.24 -21.94
N LEU B 85 14.46 -5.35 -21.71
CA LEU B 85 15.00 -5.26 -20.36
C LEU B 85 14.69 -3.97 -19.63
N ILE B 86 14.53 -2.87 -20.36
CA ILE B 86 14.26 -1.58 -19.74
C ILE B 86 12.82 -1.33 -19.27
N GLN B 87 11.90 -2.26 -19.57
CA GLN B 87 10.51 -2.12 -19.14
C GLN B 87 10.45 -2.49 -17.66
N ARG B 88 10.09 -1.53 -16.82
CA ARG B 88 10.05 -1.75 -15.38
C ARG B 88 8.69 -1.80 -14.68
N CYS B 89 7.62 -1.56 -15.43
CA CYS B 89 6.28 -1.59 -14.83
C CYS B 89 5.46 -2.76 -15.36
N GLY B 90 4.65 -3.37 -14.49
CA GLY B 90 3.85 -4.51 -14.90
C GLY B 90 2.37 -4.26 -15.11
N ALA B 91 1.80 -4.92 -16.10
CA ALA B 91 0.40 -4.76 -16.41
C ALA B 91 -0.23 -6.15 -16.57
N ILE B 92 -1.56 -6.19 -16.53
CA ILE B 92 -2.27 -7.45 -16.66
C ILE B 92 -3.37 -7.37 -17.71
N HIS B 93 -3.63 -8.51 -18.35
CA HIS B 93 -4.72 -8.62 -19.31
C HIS B 93 -5.12 -10.08 -19.29
N ARG B 94 -6.06 -10.46 -20.15
CA ARG B 94 -6.52 -11.84 -20.18
C ARG B 94 -5.43 -12.90 -20.19
N ASN B 95 -4.45 -12.73 -21.08
CA ASN B 95 -3.37 -13.71 -21.22
C ASN B 95 -2.27 -13.69 -20.16
N GLY B 96 -2.36 -12.80 -19.18
CA GLY B 96 -1.35 -12.79 -18.13
C GLY B 96 -0.64 -11.48 -17.89
N LEU B 97 0.55 -11.57 -17.28
CA LEU B 97 1.37 -10.40 -16.95
C LEU B 97 2.34 -10.02 -18.06
N GLN B 98 2.51 -8.73 -18.28
CA GLN B 98 3.43 -8.25 -19.29
C GLN B 98 4.05 -6.94 -18.86
N ALA B 99 5.35 -6.82 -19.07
CA ALA B 99 6.08 -5.62 -18.70
C ALA B 99 5.87 -4.55 -19.76
N SER B 100 5.97 -3.30 -19.34
CA SER B 100 5.81 -2.17 -20.22
C SER B 100 6.57 -0.97 -19.69
N SER B 101 6.90 -0.04 -20.57
CA SER B 101 7.57 1.18 -20.13
C SER B 101 6.59 1.83 -19.17
N CYS B 102 7.10 2.38 -18.07
CA CYS B 102 6.23 3.01 -17.09
C CYS B 102 5.56 4.28 -17.60
N GLU B 103 6.02 4.78 -18.74
CA GLU B 103 5.45 5.99 -19.33
C GLU B 103 4.15 5.75 -20.11
N VAL B 104 3.88 4.51 -20.47
CA VAL B 104 2.68 4.22 -21.22
C VAL B 104 1.42 4.52 -20.42
N ALA B 105 0.42 5.09 -21.09
CA ALA B 105 -0.84 5.41 -20.42
C ALA B 105 -1.77 4.23 -20.61
N LEU B 106 -2.12 3.58 -19.51
CA LEU B 106 -3.03 2.44 -19.57
C LEU B 106 -4.12 2.62 -18.53
N GLN B 107 -5.18 1.83 -18.65
CA GLN B 107 -6.23 1.87 -17.65
C GLN B 107 -5.55 1.21 -16.45
N TRP B 108 -6.15 1.32 -15.27
CA TRP B 108 -5.55 0.71 -14.08
C TRP B 108 -6.65 0.12 -13.20
N ILE B 109 -6.24 -0.70 -12.24
CA ILE B 109 -7.18 -1.32 -11.32
C ILE B 109 -6.76 -1.06 -9.88
N CYS B 110 -7.68 -0.52 -9.08
CA CYS B 110 -7.42 -0.26 -7.66
C CYS B 110 -8.13 -1.34 -6.87
N LYS B 111 -7.62 -1.59 -5.67
CA LYS B 111 -8.22 -2.59 -4.79
C LYS B 111 -8.29 -2.05 -3.37
N LYS B 112 -9.42 -2.24 -2.71
CA LYS B 112 -9.54 -1.80 -1.33
C LYS B 112 -10.48 -2.70 -0.56
N VAL B 113 -10.48 -2.55 0.76
CA VAL B 113 -11.34 -3.38 1.61
C VAL B 113 -12.80 -2.99 1.48
N LEU B 114 -13.66 -4.00 1.48
CA LEU B 114 -15.10 -3.81 1.39
C LEU B 114 -15.63 -3.41 2.77
N TYR B 115 -16.39 -2.32 2.83
CA TYR B 115 -16.96 -1.89 4.09
C TYR B 115 -18.27 -1.13 3.95
#